data_9ODR
#
_entry.id   9ODR
#
_cell.length_a   90.350
_cell.length_b   87.610
_cell.length_c   89.500
_cell.angle_alpha   90.00
_cell.angle_beta   113.98
_cell.angle_gamma   90.00
#
_symmetry.space_group_name_H-M   'C 1 2 1'
#
loop_
_entity.id
_entity.type
_entity.pdbx_description
1 polymer 'Protein cereblon'
2 non-polymer "(3S)-3-(6-oxo-6,8-dihydro-2H,7H-spiro[furo[2,3-e]isoindole-3,4'-piperidin]-7-yl)piperidine-2,6-dione"
3 non-polymer 'ZINC ION'
4 water water
#
_entity_poly.entity_id   1
_entity_poly.type   'polypeptide(L)'
_entity_poly.pdbx_seq_one_letter_code
;GPSTSLSCKQCQETEITTKNEIFSLSLSGPMAAYVNPHGYVHETLTVYKASNLNLIGRPSTEHSWFPGYAWTVAQCKICA
SHIGWKFTATKKDMSPQKFWGLTRSALLPTI
;
_entity_poly.pdbx_strand_id   A,B,C,D
#
loop_
_chem_comp.id
_chem_comp.type
_chem_comp.name
_chem_comp.formula
A1CAV non-polymer (3S)-3-(6-oxo-6,8-dihydro-2H,7H-spiro[furo[2,3-e]isoindole-3,4'-piperidin]-7-yl)piperidine-2,6-dione 'C19 H21 N3 O4'
ZN non-polymer 'ZINC ION' 'Zn 2'
#
# COMPACT_ATOMS: atom_id res chain seq x y z
N SER A 3 -13.79 -14.89 -11.12
CA SER A 3 -13.89 -16.32 -11.47
C SER A 3 -13.92 -17.21 -10.22
N THR A 4 -12.77 -17.41 -9.59
CA THR A 4 -12.66 -18.17 -8.35
C THR A 4 -13.41 -17.44 -7.23
N SER A 5 -14.03 -18.24 -6.38
CA SER A 5 -14.62 -17.76 -5.15
C SER A 5 -13.52 -17.46 -4.14
N LEU A 6 -13.73 -16.41 -3.34
CA LEU A 6 -13.05 -16.27 -2.07
C LEU A 6 -14.04 -16.55 -0.93
N SER A 7 -13.75 -17.56 -0.13
CA SER A 7 -14.64 -18.04 0.91
C SER A 7 -14.04 -17.79 2.29
N CYS A 8 -14.93 -17.67 3.29
CA CYS A 8 -14.56 -17.62 4.70
C CYS A 8 -13.70 -18.83 5.04
N LYS A 9 -12.49 -18.59 5.51
CA LYS A 9 -11.61 -19.68 5.85
C LYS A 9 -12.16 -20.47 7.04
N GLN A 10 -12.82 -19.81 7.99
CA GLN A 10 -13.28 -20.53 9.17
C GLN A 10 -14.39 -21.50 8.79
N CYS A 11 -15.44 -21.07 8.08
CA CYS A 11 -16.55 -21.98 7.80
C CYS A 11 -16.47 -22.57 6.39
N GLN A 12 -15.60 -22.05 5.53
CA GLN A 12 -15.12 -22.73 4.32
C GLN A 12 -16.17 -22.79 3.22
N GLU A 13 -17.44 -22.97 3.55
CA GLU A 13 -18.48 -23.20 2.55
C GLU A 13 -19.06 -21.90 1.96
N THR A 14 -18.71 -20.74 2.55
CA THR A 14 -19.43 -19.48 2.40
C THR A 14 -18.66 -18.47 1.54
N GLU A 15 -19.27 -18.08 0.42
CA GLU A 15 -18.61 -17.19 -0.53
C GLU A 15 -18.80 -15.75 -0.08
N ILE A 16 -17.71 -14.99 -0.09
CA ILE A 16 -17.68 -13.61 0.36
C ILE A 16 -17.59 -12.70 -0.85
N THR A 17 -16.81 -13.11 -1.88
CA THR A 17 -16.57 -12.30 -3.08
C THR A 17 -15.83 -13.16 -4.11
N THR A 18 -15.42 -12.54 -5.24
CA THR A 18 -14.80 -13.23 -6.37
C THR A 18 -13.63 -12.38 -6.86
N LYS A 19 -12.65 -13.05 -7.49
CA LYS A 19 -11.39 -12.41 -7.83
C LYS A 19 -11.62 -11.23 -8.76
N ASN A 20 -12.75 -11.20 -9.50
CA ASN A 20 -13.01 -10.14 -10.48
C ASN A 20 -13.65 -8.92 -9.84
N GLU A 21 -13.79 -8.95 -8.50
CA GLU A 21 -14.16 -7.76 -7.76
C GLU A 21 -12.92 -7.04 -7.25
N ILE A 22 -11.74 -7.66 -7.43
CA ILE A 22 -10.47 -7.09 -6.99
C ILE A 22 -10.17 -5.77 -7.74
N PHE A 23 -9.91 -4.70 -6.98
CA PHE A 23 -9.71 -3.43 -7.63
C PHE A 23 -8.67 -2.63 -6.89
N SER A 24 -8.15 -1.62 -7.58
CA SER A 24 -7.18 -0.70 -7.03
C SER A 24 -7.81 0.67 -6.78
N LEU A 25 -7.66 1.15 -5.54
CA LEU A 25 -8.18 2.42 -5.09
C LEU A 25 -7.07 3.46 -5.16
N SER A 26 -7.39 4.63 -5.74
CA SER A 26 -6.44 5.72 -5.87
C SER A 26 -5.25 5.17 -6.66
N LEU A 27 -4.05 5.09 -6.06
CA LEU A 27 -2.90 4.54 -6.76
C LEU A 27 -2.27 3.35 -6.02
N SER A 28 -3.09 2.73 -5.16
CA SER A 28 -2.69 1.58 -4.36
C SER A 28 -2.93 0.30 -5.13
N GLY A 29 -2.06 -0.66 -4.91
CA GLY A 29 -2.36 -1.99 -5.39
C GLY A 29 -3.50 -2.60 -4.59
N PRO A 30 -4.18 -3.58 -5.18
CA PRO A 30 -5.28 -4.25 -4.53
C PRO A 30 -4.89 -5.00 -3.26
N MET A 31 -3.62 -5.46 -3.21
CA MET A 31 -3.11 -6.24 -2.10
C MET A 31 -2.04 -5.47 -1.36
N ALA A 32 -2.37 -5.11 -0.12
CA ALA A 32 -1.66 -4.13 0.64
C ALA A 32 -1.70 -4.48 2.11
N ALA A 33 -0.72 -3.97 2.82
CA ALA A 33 -0.61 -4.11 4.26
C ALA A 33 -0.65 -2.71 4.89
N TYR A 34 -1.38 -2.59 5.98
CA TYR A 34 -1.58 -1.33 6.69
C TYR A 34 -1.36 -1.61 8.19
N VAL A 35 -1.07 -0.54 8.93
CA VAL A 35 -0.69 -0.68 10.32
C VAL A 35 -1.92 -0.40 11.19
N ASN A 36 -2.25 -1.32 12.09
CA ASN A 36 -3.40 -1.09 12.96
C ASN A 36 -2.95 -0.22 14.13
N PRO A 37 -3.88 0.20 15.02
CA PRO A 37 -3.56 1.13 16.11
C PRO A 37 -2.52 0.63 17.09
N HIS A 38 -2.24 -0.66 17.16
CA HIS A 38 -1.20 -1.20 18.01
C HIS A 38 0.06 -1.60 17.23
N GLY A 39 0.20 -1.17 15.98
CA GLY A 39 1.41 -1.46 15.21
C GLY A 39 1.45 -2.84 14.54
N TYR A 40 0.34 -3.57 14.47
CA TYR A 40 0.35 -4.81 13.70
C TYR A 40 0.23 -4.50 12.20
N VAL A 41 1.01 -5.21 11.37
CA VAL A 41 0.95 -5.09 9.91
C VAL A 41 -0.14 -6.03 9.38
N HIS A 42 -1.21 -5.43 8.84
CA HIS A 42 -2.45 -6.11 8.53
C HIS A 42 -2.62 -6.23 7.01
N GLU A 43 -2.55 -7.46 6.46
CA GLU A 43 -2.66 -7.69 5.04
C GLU A 43 -4.11 -7.73 4.54
N THR A 44 -4.41 -6.86 3.58
CA THR A 44 -5.77 -6.68 3.08
C THR A 44 -5.83 -6.86 1.57
N LEU A 45 -7.08 -6.96 1.10
CA LEU A 45 -7.43 -7.03 -0.30
C LEU A 45 -8.63 -6.13 -0.49
N THR A 46 -8.58 -5.21 -1.47
CA THR A 46 -9.69 -4.31 -1.76
C THR A 46 -10.57 -4.90 -2.88
N VAL A 47 -11.89 -5.02 -2.61
CA VAL A 47 -12.89 -5.47 -3.56
C VAL A 47 -14.08 -4.52 -3.54
N TYR A 48 -14.75 -4.36 -4.71
CA TYR A 48 -15.87 -3.44 -4.85
C TYR A 48 -17.12 -3.96 -4.15
N LYS A 49 -17.32 -5.28 -4.19
CA LYS A 49 -18.54 -5.92 -3.72
C LYS A 49 -18.19 -7.19 -2.98
N ALA A 50 -19.00 -7.49 -1.97
CA ALA A 50 -18.86 -8.67 -1.12
C ALA A 50 -20.25 -9.05 -0.60
N SER A 51 -20.43 -10.31 -0.19
CA SER A 51 -21.71 -10.65 0.41
C SER A 51 -21.51 -11.67 1.52
N ASN A 52 -22.62 -12.02 2.18
CA ASN A 52 -22.68 -12.93 3.32
C ASN A 52 -21.91 -12.31 4.49
N LEU A 53 -22.03 -10.99 4.66
CA LEU A 53 -21.40 -10.28 5.75
C LEU A 53 -22.42 -9.50 6.56
N ASN A 54 -22.27 -9.55 7.89
CA ASN A 54 -22.97 -8.62 8.74
C ASN A 54 -22.06 -7.43 9.03
N LEU A 55 -22.68 -6.28 9.27
CA LEU A 55 -21.97 -5.09 9.70
C LEU A 55 -22.11 -4.94 11.21
N ILE A 56 -21.03 -4.52 11.88
CA ILE A 56 -21.08 -4.26 13.31
C ILE A 56 -20.65 -2.82 13.58
N GLY A 57 -21.45 -2.13 14.40
CA GLY A 57 -21.12 -0.78 14.81
C GLY A 57 -21.45 0.23 13.71
N ARG A 58 -20.98 1.47 13.93
CA ARG A 58 -21.24 2.57 13.03
C ARG A 58 -19.93 3.00 12.39
N PRO A 59 -19.97 3.60 11.17
CA PRO A 59 -18.73 4.01 10.51
C PRO A 59 -17.85 4.89 11.42
N SER A 60 -16.52 4.79 11.25
CA SER A 60 -15.55 5.56 12.01
C SER A 60 -14.37 5.94 11.10
N THR A 61 -13.85 7.16 11.26
CA THR A 61 -12.75 7.63 10.43
C THR A 61 -11.44 7.56 11.20
N GLU A 62 -11.55 7.18 12.47
CA GLU A 62 -10.39 7.04 13.34
C GLU A 62 -9.44 6.01 12.74
N HIS A 63 -8.19 6.43 12.50
CA HIS A 63 -7.10 5.56 12.07
C HIS A 63 -7.44 4.93 10.71
N SER A 64 -8.30 5.59 9.93
CA SER A 64 -8.68 5.11 8.61
C SER A 64 -7.46 4.95 7.73
N TRP A 65 -7.34 3.76 7.16
CA TRP A 65 -6.27 3.49 6.22
C TRP A 65 -6.52 4.15 4.88
N PHE A 66 -7.69 4.74 4.67
CA PHE A 66 -8.06 5.25 3.37
C PHE A 66 -8.70 6.62 3.55
N PRO A 67 -7.87 7.67 3.47
CA PRO A 67 -8.33 9.03 3.73
C PRO A 67 -9.59 9.38 2.93
N GLY A 68 -10.59 9.89 3.63
CA GLY A 68 -11.87 10.15 3.00
C GLY A 68 -12.93 9.09 3.32
N TYR A 69 -12.51 7.89 3.75
CA TYR A 69 -13.46 6.80 3.96
C TYR A 69 -13.53 6.46 5.44
N ALA A 70 -14.73 6.06 5.88
CA ALA A 70 -14.93 5.54 7.21
C ALA A 70 -15.00 4.02 7.10
N TRP A 71 -14.83 3.31 8.23
CA TRP A 71 -14.82 1.86 8.24
C TRP A 71 -15.81 1.31 9.26
N THR A 72 -16.31 0.10 8.96
CA THR A 72 -17.27 -0.63 9.76
C THR A 72 -16.86 -2.10 9.70
N VAL A 73 -16.65 -2.72 10.88
CA VAL A 73 -16.26 -4.11 10.99
C VAL A 73 -17.27 -4.99 10.24
N ALA A 74 -16.79 -6.04 9.55
CA ALA A 74 -17.61 -6.96 8.77
C ALA A 74 -17.33 -8.40 9.23
N GLN A 75 -18.39 -9.18 9.49
CA GLN A 75 -18.21 -10.56 9.96
C GLN A 75 -19.03 -11.50 9.07
N CYS A 76 -18.51 -12.73 8.88
CA CYS A 76 -19.24 -13.84 8.27
C CYS A 76 -20.60 -13.99 8.96
N LYS A 77 -21.67 -14.02 8.15
CA LYS A 77 -23.06 -14.22 8.55
C LYS A 77 -23.27 -15.60 9.15
N ILE A 78 -22.38 -16.55 8.83
CA ILE A 78 -22.62 -17.92 9.19
C ILE A 78 -21.88 -18.23 10.49
N CYS A 79 -20.59 -17.84 10.58
CA CYS A 79 -19.76 -18.27 11.69
C CYS A 79 -19.34 -17.10 12.57
N ALA A 80 -19.61 -15.85 12.15
CA ALA A 80 -19.25 -14.65 12.92
C ALA A 80 -17.75 -14.32 12.93
N SER A 81 -16.89 -15.09 12.26
CA SER A 81 -15.48 -14.73 12.14
C SER A 81 -15.37 -13.35 11.49
N HIS A 82 -14.43 -12.52 12.00
CA HIS A 82 -14.19 -11.17 11.53
C HIS A 82 -13.49 -11.27 10.17
N ILE A 83 -14.10 -10.75 9.10
CA ILE A 83 -13.55 -10.94 7.77
C ILE A 83 -12.78 -9.70 7.33
N GLY A 84 -13.17 -8.53 7.79
CA GLY A 84 -12.60 -7.29 7.27
C GLY A 84 -13.45 -6.09 7.63
N TRP A 85 -13.48 -5.09 6.73
CA TRP A 85 -14.28 -3.90 6.95
C TRP A 85 -14.95 -3.43 5.67
N LYS A 86 -16.13 -2.81 5.83
CA LYS A 86 -16.75 -2.02 4.80
C LYS A 86 -16.27 -0.59 4.98
N PHE A 87 -15.81 0.03 3.88
CA PHE A 87 -15.41 1.42 3.82
C PHE A 87 -16.49 2.18 3.06
N THR A 88 -16.95 3.31 3.62
CA THR A 88 -17.96 4.17 3.02
C THR A 88 -17.42 5.59 2.99
N ALA A 89 -17.69 6.30 1.89
CA ALA A 89 -17.14 7.62 1.64
C ALA A 89 -17.78 8.63 2.58
N THR A 90 -17.00 9.60 3.05
CA THR A 90 -17.53 10.61 3.95
C THR A 90 -18.12 11.77 3.15
N LYS A 91 -17.83 11.81 1.83
CA LYS A 91 -18.27 12.88 0.97
C LYS A 91 -18.86 12.32 -0.33
N LYS A 92 -19.91 13.03 -0.80
CA LYS A 92 -20.82 12.57 -1.83
C LYS A 92 -20.17 12.57 -3.20
N ASP A 93 -19.05 13.25 -3.37
CA ASP A 93 -18.45 13.35 -4.69
C ASP A 93 -17.29 12.35 -4.84
N MET A 94 -17.07 11.48 -3.85
CA MET A 94 -15.96 10.54 -3.93
C MET A 94 -16.40 9.34 -4.76
N SER A 95 -15.41 8.62 -5.29
CA SER A 95 -15.70 7.45 -6.09
C SER A 95 -14.62 6.39 -5.95
N PRO A 96 -14.92 5.17 -5.48
CA PRO A 96 -16.30 4.73 -5.25
C PRO A 96 -16.86 5.26 -3.94
N GLN A 97 -18.18 5.16 -3.80
CA GLN A 97 -18.88 5.52 -2.58
C GLN A 97 -18.67 4.43 -1.52
N LYS A 98 -18.43 3.19 -1.96
CA LYS A 98 -18.24 2.12 -1.00
C LYS A 98 -17.35 1.02 -1.58
N PHE A 99 -16.65 0.32 -0.70
CA PHE A 99 -15.92 -0.88 -1.07
C PHE A 99 -15.60 -1.66 0.19
N TRP A 100 -14.90 -2.78 0.03
CA TRP A 100 -14.52 -3.64 1.13
C TRP A 100 -13.02 -3.84 1.15
N GLY A 101 -12.44 -3.73 2.35
CA GLY A 101 -11.06 -4.14 2.62
C GLY A 101 -11.07 -5.39 3.49
N LEU A 102 -10.69 -6.53 2.93
CA LEU A 102 -10.85 -7.84 3.52
C LEU A 102 -9.50 -8.35 4.00
N THR A 103 -9.49 -9.09 5.12
CA THR A 103 -8.28 -9.66 5.70
C THR A 103 -7.87 -10.88 4.89
N ARG A 104 -6.67 -10.87 4.29
CA ARG A 104 -6.32 -11.91 3.32
C ARG A 104 -6.35 -13.27 4.00
N SER A 105 -5.76 -13.35 5.19
CA SER A 105 -5.61 -14.58 5.96
C SER A 105 -6.97 -15.12 6.44
N ALA A 106 -8.03 -14.30 6.44
CA ALA A 106 -9.37 -14.78 6.76
C ALA A 106 -10.08 -15.41 5.55
N LEU A 107 -9.44 -15.53 4.39
CA LEU A 107 -10.12 -16.08 3.21
C LEU A 107 -9.37 -17.31 2.69
N LEU A 108 -10.12 -18.07 1.88
CA LEU A 108 -9.62 -19.21 1.12
C LEU A 108 -10.12 -19.18 -0.31
N PRO A 109 -9.26 -19.34 -1.34
CA PRO A 109 -7.83 -19.57 -1.12
C PRO A 109 -7.14 -18.34 -0.54
N THR A 110 -6.05 -18.59 0.19
CA THR A 110 -5.25 -17.49 0.72
C THR A 110 -4.38 -16.99 -0.42
N ILE A 111 -4.41 -15.68 -0.66
CA ILE A 111 -3.57 -15.01 -1.64
C ILE A 111 -2.80 -13.87 -0.95
N SER B 3 22.41 -6.78 9.76
CA SER B 3 21.32 -6.70 8.76
C SER B 3 21.80 -7.15 7.39
N THR B 4 20.98 -7.91 6.66
CA THR B 4 21.36 -8.35 5.33
C THR B 4 21.49 -7.13 4.42
N SER B 5 22.45 -7.22 3.50
CA SER B 5 22.60 -6.27 2.42
C SER B 5 21.42 -6.41 1.45
N LEU B 6 21.00 -5.28 0.87
CA LEU B 6 20.18 -5.32 -0.33
C LEU B 6 21.00 -4.71 -1.46
N SER B 7 21.25 -5.51 -2.47
CA SER B 7 22.25 -5.20 -3.49
C SER B 7 21.55 -4.98 -4.84
N CYS B 8 22.14 -4.13 -5.68
CA CYS B 8 21.69 -3.98 -7.06
C CYS B 8 21.70 -5.35 -7.74
N LYS B 9 20.58 -5.73 -8.34
CA LYS B 9 20.47 -7.05 -8.92
C LYS B 9 21.30 -7.14 -10.21
N GLN B 10 21.42 -6.03 -10.93
CA GLN B 10 22.06 -6.06 -12.22
C GLN B 10 23.57 -6.14 -12.05
N CYS B 11 24.17 -5.51 -11.04
CA CYS B 11 25.62 -5.61 -10.94
C CYS B 11 26.08 -6.44 -9.73
N GLN B 12 25.15 -6.74 -8.81
CA GLN B 12 25.28 -7.80 -7.81
C GLN B 12 26.23 -7.43 -6.68
N GLU B 13 27.40 -6.85 -7.01
CA GLU B 13 28.39 -6.46 -6.03
C GLU B 13 27.87 -5.38 -5.08
N THR B 14 27.21 -4.35 -5.64
CA THR B 14 26.97 -3.02 -5.08
C THR B 14 25.82 -2.98 -4.06
N GLU B 15 26.08 -2.50 -2.85
CA GLU B 15 25.11 -2.43 -1.77
C GLU B 15 24.35 -1.10 -1.81
N ILE B 16 23.01 -1.19 -1.75
CA ILE B 16 22.12 -0.05 -1.89
C ILE B 16 21.64 0.37 -0.51
N THR B 17 21.21 -0.62 0.29
CA THR B 17 20.65 -0.37 1.62
C THR B 17 20.72 -1.67 2.42
N THR B 18 20.10 -1.68 3.61
CA THR B 18 20.14 -2.83 4.51
C THR B 18 18.76 -3.01 5.10
N LYS B 19 18.48 -4.25 5.54
CA LYS B 19 17.13 -4.62 5.95
C LYS B 19 16.66 -3.79 7.14
N ASN B 20 17.57 -3.19 7.96
CA ASN B 20 17.10 -2.45 9.13
C ASN B 20 16.94 -0.96 8.86
N GLU B 21 17.05 -0.57 7.59
CA GLU B 21 16.52 0.73 7.16
C GLU B 21 15.05 0.62 6.74
N ILE B 22 14.53 -0.62 6.67
CA ILE B 22 13.14 -0.81 6.29
C ILE B 22 12.24 -0.18 7.34
N PHE B 23 11.22 0.54 6.87
CA PHE B 23 10.37 1.27 7.78
C PHE B 23 9.00 1.43 7.13
N SER B 24 8.03 1.84 7.98
CA SER B 24 6.65 2.07 7.61
C SER B 24 6.35 3.57 7.61
N LEU B 25 5.72 4.05 6.55
CA LEU B 25 5.41 5.45 6.34
C LEU B 25 3.92 5.62 6.51
N SER B 26 3.53 6.61 7.33
CA SER B 26 2.13 6.87 7.60
C SER B 26 1.54 5.56 8.16
N LEU B 27 0.53 4.95 7.52
CA LEU B 27 0.01 3.69 8.08
C LEU B 27 0.20 2.53 7.11
N SER B 28 1.21 2.67 6.26
CA SER B 28 1.45 1.74 5.17
C SER B 28 2.55 0.79 5.59
N GLY B 29 2.44 -0.46 5.18
CA GLY B 29 3.52 -1.40 5.40
C GLY B 29 4.70 -1.07 4.50
N PRO B 30 5.86 -1.63 4.87
CA PRO B 30 7.09 -1.38 4.14
C PRO B 30 7.07 -1.85 2.69
N MET B 31 6.39 -2.98 2.47
CA MET B 31 6.28 -3.61 1.16
C MET B 31 4.87 -3.41 0.63
N ALA B 32 4.78 -2.64 -0.44
CA ALA B 32 3.54 -2.12 -0.98
C ALA B 32 3.68 -2.08 -2.50
N ALA B 33 2.54 -1.98 -3.16
CA ALA B 33 2.55 -1.88 -4.61
C ALA B 33 1.68 -0.70 -4.98
N TYR B 34 2.12 0.03 -6.01
CA TYR B 34 1.53 1.31 -6.38
C TYR B 34 1.40 1.29 -7.90
N VAL B 35 0.45 2.06 -8.41
CA VAL B 35 0.11 1.99 -9.83
C VAL B 35 0.80 3.14 -10.54
N ASN B 36 1.58 2.81 -11.58
CA ASN B 36 2.30 3.83 -12.32
C ASN B 36 1.35 4.49 -13.33
N PRO B 37 1.81 5.53 -14.05
CA PRO B 37 0.94 6.31 -14.95
C PRO B 37 0.29 5.51 -16.06
N HIS B 38 0.87 4.38 -16.48
CA HIS B 38 0.30 3.51 -17.49
C HIS B 38 -0.39 2.28 -16.88
N GLY B 39 -0.74 2.34 -15.60
CA GLY B 39 -1.52 1.27 -15.00
C GLY B 39 -0.71 0.05 -14.56
N TYR B 40 0.62 0.11 -14.56
CA TYR B 40 1.41 -1.03 -14.08
C TYR B 40 1.47 -1.05 -12.54
N VAL B 41 1.39 -2.24 -11.93
CA VAL B 41 1.50 -2.39 -10.49
C VAL B 41 2.97 -2.58 -10.08
N HIS B 42 3.52 -1.56 -9.41
CA HIS B 42 4.95 -1.48 -9.19
C HIS B 42 5.21 -1.80 -7.72
N GLU B 43 5.95 -2.89 -7.45
CA GLU B 43 6.23 -3.33 -6.11
C GLU B 43 7.47 -2.63 -5.53
N THR B 44 7.26 -2.04 -4.33
CA THR B 44 8.24 -1.19 -3.68
C THR B 44 8.54 -1.66 -2.25
N LEU B 45 9.59 -1.03 -1.73
CA LEU B 45 10.04 -1.17 -0.36
C LEU B 45 10.53 0.19 0.09
N THR B 46 10.10 0.65 1.27
CA THR B 46 10.46 1.96 1.80
C THR B 46 11.57 1.79 2.84
N VAL B 47 12.67 2.55 2.63
CA VAL B 47 13.83 2.55 3.51
C VAL B 47 14.24 3.99 3.82
N TYR B 48 14.83 4.20 5.00
CA TYR B 48 15.16 5.54 5.47
C TYR B 48 16.39 6.05 4.72
N LYS B 49 17.34 5.15 4.46
CA LYS B 49 18.63 5.48 3.88
C LYS B 49 19.02 4.40 2.88
N ALA B 50 19.72 4.86 1.85
CA ALA B 50 20.28 4.07 0.77
C ALA B 50 21.52 4.79 0.24
N SER B 51 22.44 4.06 -0.39
CA SER B 51 23.60 4.70 -1.01
C SER B 51 23.98 4.04 -2.33
N ASN B 52 25.02 4.57 -2.97
CA ASN B 52 25.50 4.17 -4.28
C ASN B 52 24.42 4.44 -5.31
N LEU B 53 23.69 5.54 -5.14
CA LEU B 53 22.67 5.90 -6.08
C LEU B 53 22.99 7.28 -6.63
N ASN B 54 22.79 7.50 -7.93
CA ASN B 54 22.75 8.84 -8.44
C ASN B 54 21.29 9.25 -8.55
N LEU B 55 21.05 10.56 -8.52
CA LEU B 55 19.74 11.14 -8.81
C LEU B 55 19.71 11.67 -10.24
N ILE B 56 18.58 11.47 -10.92
CA ILE B 56 18.33 11.97 -12.27
C ILE B 56 17.11 12.87 -12.21
N GLY B 57 17.25 14.09 -12.75
CA GLY B 57 16.14 15.02 -12.82
C GLY B 57 15.96 15.76 -11.49
N ARG B 58 14.87 16.51 -11.40
CA ARG B 58 14.56 17.27 -10.21
C ARG B 58 13.24 16.79 -9.66
N PRO B 59 12.97 16.96 -8.34
CA PRO B 59 11.74 16.43 -7.75
C PRO B 59 10.46 16.83 -8.50
N SER B 60 9.52 15.89 -8.61
CA SER B 60 8.19 16.11 -9.16
C SER B 60 7.13 15.51 -8.23
N THR B 61 5.92 16.11 -8.24
CA THR B 61 4.83 15.62 -7.41
C THR B 61 3.77 14.98 -8.29
N GLU B 62 4.00 14.98 -9.59
CA GLU B 62 3.07 14.36 -10.53
C GLU B 62 2.98 12.86 -10.25
N HIS B 63 1.77 12.38 -9.98
CA HIS B 63 1.46 10.96 -9.77
C HIS B 63 2.19 10.40 -8.55
N SER B 64 2.50 11.26 -7.58
CA SER B 64 3.20 10.83 -6.37
C SER B 64 2.34 9.83 -5.62
N TRP B 65 2.98 8.75 -5.17
CA TRP B 65 2.34 7.68 -4.45
C TRP B 65 2.25 7.99 -2.96
N PHE B 66 2.94 9.05 -2.55
CA PHE B 66 2.98 9.50 -1.17
C PHE B 66 2.62 10.98 -1.12
N PRO B 67 1.33 11.29 -0.89
CA PRO B 67 0.91 12.68 -0.85
C PRO B 67 1.76 13.52 0.10
N GLY B 68 2.25 14.68 -0.36
CA GLY B 68 3.15 15.50 0.41
C GLY B 68 4.63 15.33 0.00
N TYR B 69 4.96 14.26 -0.74
CA TYR B 69 6.34 14.01 -1.11
C TYR B 69 6.49 14.18 -2.62
N ALA B 70 7.69 14.59 -3.03
CA ALA B 70 8.06 14.65 -4.43
C ALA B 70 9.09 13.55 -4.69
N TRP B 71 9.23 13.14 -5.96
CA TRP B 71 10.08 12.01 -6.30
C TRP B 71 11.13 12.37 -7.35
N THR B 72 12.26 11.66 -7.25
CA THR B 72 13.39 11.78 -8.15
C THR B 72 13.92 10.36 -8.41
N VAL B 73 14.02 9.97 -9.69
CA VAL B 73 14.61 8.72 -10.14
C VAL B 73 16.01 8.54 -9.53
N ALA B 74 16.29 7.31 -9.14
CA ALA B 74 17.51 6.91 -8.48
C ALA B 74 18.07 5.71 -9.23
N GLN B 75 19.39 5.79 -9.49
CA GLN B 75 20.06 4.85 -10.37
C GLN B 75 21.33 4.35 -9.68
N CYS B 76 21.62 3.05 -9.85
CA CYS B 76 22.90 2.47 -9.46
C CYS B 76 24.04 3.33 -10.05
N LYS B 77 24.95 3.80 -9.16
CA LYS B 77 26.17 4.55 -9.47
C LYS B 77 27.10 3.72 -10.35
N ILE B 78 26.97 2.39 -10.27
CA ILE B 78 27.93 1.51 -10.92
C ILE B 78 27.44 1.12 -12.31
N CYS B 79 26.15 0.72 -12.46
CA CYS B 79 25.71 0.18 -13.74
C CYS B 79 24.60 1.00 -14.40
N ALA B 80 24.17 2.10 -13.77
CA ALA B 80 23.14 2.99 -14.28
C ALA B 80 21.73 2.38 -14.26
N SER B 81 21.56 1.17 -13.75
CA SER B 81 20.25 0.56 -13.66
C SER B 81 19.31 1.31 -12.72
N HIS B 82 18.04 1.44 -13.11
CA HIS B 82 17.03 2.23 -12.40
C HIS B 82 16.59 1.43 -11.17
N ILE B 83 16.87 1.95 -9.98
CA ILE B 83 16.66 1.20 -8.76
C ILE B 83 15.36 1.59 -8.06
N GLY B 84 14.96 2.87 -8.17
CA GLY B 84 13.81 3.36 -7.43
C GLY B 84 13.72 4.88 -7.47
N TRP B 85 13.24 5.47 -6.37
CA TRP B 85 13.19 6.92 -6.30
C TRP B 85 13.59 7.41 -4.92
N LYS B 86 14.13 8.63 -4.89
CA LYS B 86 14.19 9.41 -3.68
C LYS B 86 12.93 10.26 -3.55
N PHE B 87 12.36 10.24 -2.34
CA PHE B 87 11.18 11.04 -2.00
C PHE B 87 11.62 12.12 -1.02
N THR B 88 11.22 13.36 -1.32
CA THR B 88 11.57 14.52 -0.51
C THR B 88 10.29 15.26 -0.17
N ALA B 89 10.20 15.76 1.06
CA ALA B 89 9.01 16.42 1.56
C ALA B 89 8.83 17.76 0.89
N THR B 90 7.58 18.11 0.52
CA THR B 90 7.28 19.42 -0.04
C THR B 90 6.91 20.44 1.03
N LYS B 91 7.19 20.16 2.32
CA LYS B 91 6.90 21.10 3.40
C LYS B 91 7.81 20.78 4.58
N LYS B 92 8.12 21.82 5.38
CA LYS B 92 9.17 21.75 6.39
C LYS B 92 8.69 21.01 7.63
N ASP B 93 7.36 20.87 7.79
CA ASP B 93 6.81 20.22 8.96
C ASP B 93 7.04 18.70 8.90
N MET B 94 7.08 18.11 7.70
CA MET B 94 6.84 16.68 7.50
C MET B 94 7.98 15.82 8.07
N SER B 95 7.61 14.61 8.44
CA SER B 95 8.53 13.66 9.01
C SER B 95 8.27 12.26 8.48
N PRO B 96 9.24 11.57 7.83
CA PRO B 96 10.58 12.11 7.61
C PRO B 96 10.66 13.15 6.49
N GLN B 97 11.77 13.88 6.44
CA GLN B 97 11.97 14.87 5.39
C GLN B 97 12.29 14.17 4.06
N LYS B 98 12.98 13.02 4.10
CA LYS B 98 13.29 12.27 2.89
C LYS B 98 13.31 10.78 3.20
N PHE B 99 13.09 9.97 2.15
CA PHE B 99 13.30 8.53 2.22
C PHE B 99 13.42 7.97 0.80
N TRP B 100 13.60 6.66 0.69
CA TRP B 100 13.71 5.96 -0.58
C TRP B 100 12.58 4.93 -0.74
N GLY B 101 11.96 4.93 -1.93
CA GLY B 101 11.08 3.86 -2.38
C GLY B 101 11.78 3.07 -3.47
N LEU B 102 12.23 1.86 -3.15
CA LEU B 102 13.02 1.05 -4.05
C LEU B 102 12.16 -0.02 -4.72
N THR B 103 12.49 -0.31 -5.98
CA THR B 103 11.82 -1.36 -6.73
C THR B 103 12.30 -2.72 -6.24
N ARG B 104 11.41 -3.55 -5.71
CA ARG B 104 11.84 -4.79 -5.08
C ARG B 104 12.61 -5.70 -6.05
N SER B 105 12.10 -5.79 -7.29
CA SER B 105 12.65 -6.66 -8.33
C SER B 105 14.01 -6.16 -8.85
N ALA B 106 14.40 -4.93 -8.50
CA ALA B 106 15.69 -4.40 -8.88
C ALA B 106 16.79 -4.77 -7.87
N LEU B 107 16.45 -5.49 -6.79
CA LEU B 107 17.38 -5.80 -5.71
C LEU B 107 17.56 -7.31 -5.53
N LEU B 108 18.69 -7.66 -4.90
CA LEU B 108 19.02 -9.00 -4.42
C LEU B 108 19.47 -8.97 -2.97
N PRO B 109 18.91 -9.83 -2.07
CA PRO B 109 17.90 -10.82 -2.43
C PRO B 109 16.55 -10.21 -2.79
N THR B 110 15.77 -10.95 -3.59
CA THR B 110 14.41 -10.53 -3.89
C THR B 110 13.52 -10.91 -2.72
N ILE B 111 12.72 -9.93 -2.28
CA ILE B 111 11.85 -10.08 -1.14
C ILE B 111 10.44 -9.57 -1.52
N SER C 3 33.66 32.38 -20.67
CA SER C 3 32.87 32.79 -21.85
C SER C 3 31.42 32.32 -21.72
N THR C 4 30.74 32.15 -22.87
CA THR C 4 29.36 31.69 -22.93
C THR C 4 29.25 30.30 -22.29
N SER C 5 28.00 29.93 -21.98
CA SER C 5 27.67 28.61 -21.48
C SER C 5 27.93 27.57 -22.56
N LEU C 6 28.33 26.38 -22.09
CA LEU C 6 28.10 25.16 -22.83
C LEU C 6 27.07 24.31 -22.07
N SER C 7 26.07 23.85 -22.83
CA SER C 7 24.82 23.35 -22.27
C SER C 7 24.46 21.97 -22.84
N CYS C 8 23.81 21.14 -22.03
CA CYS C 8 23.34 19.85 -22.50
C CYS C 8 22.41 20.10 -23.69
N LYS C 9 22.76 19.57 -24.85
CA LYS C 9 21.96 19.82 -26.04
C LYS C 9 20.55 19.29 -25.84
N GLN C 10 20.41 18.18 -25.10
CA GLN C 10 19.13 17.50 -25.02
C GLN C 10 18.12 18.26 -24.15
N CYS C 11 18.54 18.80 -23.01
CA CYS C 11 17.60 19.39 -22.07
C CYS C 11 17.73 20.92 -22.08
N GLN C 12 18.89 21.43 -22.51
CA GLN C 12 19.08 22.77 -23.05
C GLN C 12 19.36 23.77 -21.92
N GLU C 13 18.61 23.67 -20.82
CA GLU C 13 18.71 24.61 -19.71
C GLU C 13 19.97 24.36 -18.89
N THR C 14 20.52 23.15 -18.95
CA THR C 14 21.51 22.66 -17.98
C THR C 14 22.93 23.02 -18.44
N GLU C 15 23.64 23.82 -17.64
CA GLU C 15 24.98 24.21 -17.98
C GLU C 15 25.92 23.12 -17.52
N ILE C 16 26.87 22.74 -18.40
CA ILE C 16 27.86 21.71 -18.14
C ILE C 16 29.21 22.34 -17.85
N THR C 17 29.55 23.39 -18.61
CA THR C 17 30.77 24.16 -18.38
C THR C 17 30.70 25.46 -19.20
N THR C 18 31.76 26.25 -19.08
CA THR C 18 31.88 27.52 -19.79
C THR C 18 33.18 27.55 -20.59
N LYS C 19 33.26 28.47 -21.55
CA LYS C 19 34.32 28.44 -22.55
C LYS C 19 35.68 28.73 -21.93
N ASN C 20 35.76 29.33 -20.74
CA ASN C 20 37.06 29.68 -20.20
C ASN C 20 37.68 28.47 -19.52
N GLU C 21 36.99 27.33 -19.49
CA GLU C 21 37.53 26.11 -18.88
C GLU C 21 38.32 25.28 -19.90
N ILE C 22 38.08 25.55 -21.20
CA ILE C 22 38.68 24.91 -22.36
C ILE C 22 40.20 25.03 -22.33
N PHE C 23 40.89 23.89 -22.32
CA PHE C 23 42.33 23.92 -22.44
C PHE C 23 42.73 22.90 -23.49
N SER C 24 44.03 22.66 -23.62
CA SER C 24 44.53 21.86 -24.71
C SER C 24 45.44 20.77 -24.16
N LEU C 25 45.16 19.55 -24.56
CA LEU C 25 45.96 18.41 -24.14
C LEU C 25 46.17 17.52 -25.37
N SER C 26 46.57 18.15 -26.47
CA SER C 26 46.49 17.52 -27.77
C SER C 26 47.15 18.43 -28.80
N LEU C 27 48.03 17.84 -29.64
CA LEU C 27 48.38 18.46 -30.92
C LEU C 27 47.05 18.63 -31.66
N SER C 28 46.87 19.75 -32.37
CA SER C 28 45.57 20.13 -32.91
C SER C 28 44.65 20.67 -31.80
N GLY C 29 45.15 20.76 -30.55
CA GLY C 29 44.59 21.64 -29.54
C GLY C 29 43.47 21.05 -28.66
N PRO C 30 42.55 21.91 -28.16
CA PRO C 30 41.50 21.46 -27.24
C PRO C 30 40.52 20.43 -27.81
N MET C 31 40.22 20.57 -29.10
CA MET C 31 39.29 19.72 -29.84
C MET C 31 40.07 18.66 -30.61
N ALA C 32 39.52 17.45 -30.69
CA ALA C 32 40.15 16.36 -31.41
C ALA C 32 39.13 15.26 -31.67
N ALA C 33 39.40 14.41 -32.65
CA ALA C 33 38.63 13.20 -32.90
C ALA C 33 39.38 12.01 -32.31
N TYR C 34 38.65 11.10 -31.64
CA TYR C 34 39.23 9.86 -31.12
C TYR C 34 38.32 8.70 -31.48
N VAL C 35 38.94 7.52 -31.61
CA VAL C 35 38.21 6.32 -31.96
C VAL C 35 38.05 5.46 -30.70
N ASN C 36 36.82 4.99 -30.49
CA ASN C 36 36.46 4.10 -29.40
C ASN C 36 36.67 2.65 -29.87
N PRO C 37 36.52 1.64 -29.02
CA PRO C 37 36.89 0.29 -29.40
C PRO C 37 36.01 -0.34 -30.46
N HIS C 38 34.84 0.25 -30.70
CA HIS C 38 33.94 -0.26 -31.72
C HIS C 38 34.10 0.51 -33.03
N GLY C 39 35.06 1.44 -33.11
CA GLY C 39 35.34 2.11 -34.36
C GLY C 39 34.68 3.47 -34.46
N TYR C 40 33.78 3.79 -33.52
CA TYR C 40 33.05 5.05 -33.60
C TYR C 40 33.98 6.20 -33.26
N VAL C 41 33.75 7.34 -33.92
CA VAL C 41 34.59 8.51 -33.80
C VAL C 41 33.86 9.60 -33.04
N HIS C 42 34.52 10.21 -32.06
CA HIS C 42 33.92 11.23 -31.24
C HIS C 42 34.82 12.44 -31.30
N GLU C 43 34.24 13.61 -31.55
CA GLU C 43 34.99 14.85 -31.48
C GLU C 43 34.86 15.37 -30.06
N THR C 44 36.00 15.47 -29.36
CA THR C 44 36.08 15.58 -27.91
C THR C 44 36.77 16.87 -27.55
N LEU C 45 36.16 17.62 -26.62
CA LEU C 45 36.67 18.88 -26.10
C LEU C 45 37.13 18.71 -24.66
N THR C 46 38.37 19.10 -24.39
CA THR C 46 38.99 19.01 -23.08
C THR C 46 38.72 20.30 -22.31
N VAL C 47 38.22 20.16 -21.07
CA VAL C 47 37.97 21.26 -20.15
C VAL C 47 38.39 20.81 -18.75
N TYR C 48 38.71 21.79 -17.89
CA TYR C 48 39.31 21.54 -16.59
C TYR C 48 38.24 21.12 -15.56
N LYS C 49 37.03 21.69 -15.72
CA LYS C 49 35.94 21.55 -14.79
C LYS C 49 34.63 21.57 -15.56
N ALA C 50 33.75 20.64 -15.16
CA ALA C 50 32.36 20.66 -15.59
C ALA C 50 31.47 20.39 -14.38
N SER C 51 30.18 20.68 -14.55
CA SER C 51 29.21 20.57 -13.49
C SER C 51 27.89 20.09 -14.07
N ASN C 52 26.96 19.73 -13.17
CA ASN C 52 25.75 19.02 -13.52
C ASN C 52 25.98 17.63 -14.10
N LEU C 53 27.05 16.92 -13.72
CA LEU C 53 27.32 15.60 -14.27
C LEU C 53 27.32 14.54 -13.16
N ASN C 54 26.55 13.46 -13.34
CA ASN C 54 26.78 12.25 -12.58
C ASN C 54 27.89 11.42 -13.23
N LEU C 55 28.55 10.60 -12.40
CA LEU C 55 29.50 9.59 -12.83
C LEU C 55 28.86 8.21 -12.75
N ILE C 56 29.19 7.35 -13.73
CA ILE C 56 28.76 5.95 -13.80
C ILE C 56 29.98 5.04 -13.86
N GLY C 57 30.03 4.05 -12.96
CA GLY C 57 31.03 2.99 -12.98
C GLY C 57 32.31 3.43 -12.27
N ARG C 58 33.35 2.61 -12.34
CA ARG C 58 34.63 2.96 -11.73
C ARG C 58 35.63 3.33 -12.81
N PRO C 59 36.60 4.20 -12.50
CA PRO C 59 37.64 4.57 -13.45
C PRO C 59 38.24 3.36 -14.16
N SER C 60 38.48 3.50 -15.47
CA SER C 60 39.13 2.47 -16.26
C SER C 60 40.24 3.08 -17.14
N THR C 61 41.28 2.30 -17.40
CA THR C 61 42.35 2.72 -18.31
C THR C 61 42.24 1.91 -19.60
N GLU C 62 41.28 1.00 -19.69
CA GLU C 62 41.04 0.27 -20.93
C GLU C 62 40.79 1.28 -22.05
N HIS C 63 41.55 1.16 -23.15
CA HIS C 63 41.41 1.99 -24.34
C HIS C 63 41.45 3.49 -24.05
N SER C 64 42.21 3.91 -23.04
CA SER C 64 42.22 5.33 -22.71
C SER C 64 42.90 6.09 -23.84
N TRP C 65 42.24 7.15 -24.27
CA TRP C 65 42.75 8.07 -25.27
C TRP C 65 43.84 8.98 -24.71
N PHE C 66 43.91 9.13 -23.38
CA PHE C 66 44.91 9.98 -22.73
C PHE C 66 45.77 9.14 -21.79
N PRO C 67 46.88 8.54 -22.26
CA PRO C 67 47.67 7.64 -21.44
C PRO C 67 48.15 8.30 -20.15
N GLY C 68 48.13 7.53 -19.05
CA GLY C 68 48.34 8.07 -17.72
C GLY C 68 47.03 8.38 -17.01
N TYR C 69 45.93 8.43 -17.78
CA TYR C 69 44.63 8.82 -17.24
C TYR C 69 43.59 7.72 -17.42
N ALA C 70 42.64 7.70 -16.47
CA ALA C 70 41.54 6.76 -16.47
C ALA C 70 40.24 7.49 -16.71
N TRP C 71 39.29 6.80 -17.33
CA TRP C 71 38.01 7.41 -17.70
C TRP C 71 36.87 6.80 -16.89
N THR C 72 35.90 7.67 -16.59
CA THR C 72 34.62 7.27 -16.03
C THR C 72 33.52 7.94 -16.84
N VAL C 73 32.47 7.20 -17.21
CA VAL C 73 31.38 7.78 -17.99
C VAL C 73 30.75 8.92 -17.19
N ALA C 74 30.40 10.01 -17.91
CA ALA C 74 29.69 11.16 -17.35
C ALA C 74 28.37 11.41 -18.07
N GLN C 75 27.34 11.79 -17.29
CA GLN C 75 26.03 12.09 -17.87
C GLN C 75 25.34 13.29 -17.19
N CYS C 76 24.51 13.99 -17.96
CA CYS C 76 23.61 15.01 -17.44
C CYS C 76 22.84 14.46 -16.21
N LYS C 77 23.03 15.10 -15.05
CA LYS C 77 22.22 14.98 -13.85
C LYS C 77 20.72 15.08 -14.13
N ILE C 78 20.34 15.86 -15.16
CA ILE C 78 18.96 16.22 -15.36
C ILE C 78 18.29 15.25 -16.33
N CYS C 79 18.87 14.97 -17.52
CA CYS C 79 18.22 14.10 -18.50
C CYS C 79 18.92 12.76 -18.68
N ALA C 80 20.10 12.53 -18.10
CA ALA C 80 20.78 11.25 -18.21
C ALA C 80 21.47 11.03 -19.56
N SER C 81 21.58 12.09 -20.36
CA SER C 81 22.26 12.03 -21.64
C SER C 81 23.78 11.84 -21.44
N HIS C 82 24.41 11.04 -22.31
CA HIS C 82 25.85 10.81 -22.24
C HIS C 82 26.54 12.05 -22.78
N ILE C 83 27.36 12.68 -21.95
CA ILE C 83 27.97 13.96 -22.27
C ILE C 83 29.43 13.72 -22.61
N GLY C 84 30.08 12.83 -21.87
CA GLY C 84 31.47 12.51 -22.13
C GLY C 84 32.03 11.65 -21.01
N TRP C 85 33.22 12.05 -20.52
CA TRP C 85 33.96 11.27 -19.55
C TRP C 85 34.78 12.18 -18.63
N LYS C 86 34.93 11.72 -17.38
CA LYS C 86 35.88 12.29 -16.45
C LYS C 86 37.16 11.48 -16.57
N PHE C 87 38.27 12.22 -16.73
CA PHE C 87 39.61 11.66 -16.77
C PHE C 87 40.33 11.99 -15.46
N THR C 88 40.87 10.95 -14.82
CA THR C 88 41.51 11.07 -13.53
C THR C 88 42.91 10.45 -13.64
N ALA C 89 43.91 11.16 -13.09
CA ALA C 89 45.30 10.72 -13.14
C ALA C 89 45.51 9.41 -12.38
N THR C 90 46.37 8.53 -12.92
CA THR C 90 46.75 7.30 -12.23
C THR C 90 48.11 7.47 -11.55
N LYS C 91 48.67 8.70 -11.57
CA LYS C 91 49.94 8.98 -10.91
C LYS C 91 50.00 10.42 -10.39
N LYS C 92 50.78 10.61 -9.32
CA LYS C 92 50.65 11.77 -8.43
C LYS C 92 51.37 13.00 -8.99
N ASP C 93 52.46 12.80 -9.75
CA ASP C 93 53.18 13.91 -10.35
C ASP C 93 52.31 14.68 -11.34
N MET C 94 51.45 13.97 -12.09
CA MET C 94 50.93 14.43 -13.37
C MET C 94 49.97 15.60 -13.23
N SER C 95 49.82 16.36 -14.32
CA SER C 95 49.07 17.59 -14.28
C SER C 95 48.38 17.89 -15.60
N PRO C 96 47.06 18.22 -15.65
CA PRO C 96 46.21 18.24 -14.46
C PRO C 96 45.94 16.85 -13.90
N GLN C 97 45.44 16.78 -12.66
CA GLN C 97 45.17 15.51 -12.00
C GLN C 97 43.83 14.94 -12.50
N LYS C 98 42.95 15.85 -12.93
CA LYS C 98 41.68 15.47 -13.48
C LYS C 98 41.23 16.54 -14.47
N PHE C 99 40.43 16.07 -15.44
CA PHE C 99 39.74 16.93 -16.40
C PHE C 99 38.59 16.12 -16.99
N TRP C 100 37.86 16.74 -17.92
CA TRP C 100 36.71 16.16 -18.58
C TRP C 100 36.91 16.23 -20.10
N GLY C 101 36.63 15.12 -20.78
CA GLY C 101 36.47 15.14 -22.23
C GLY C 101 34.99 15.03 -22.59
N LEU C 102 34.46 16.06 -23.24
CA LEU C 102 33.06 16.05 -23.60
C LEU C 102 32.88 15.91 -25.10
N THR C 103 31.88 15.14 -25.48
CA THR C 103 31.49 15.01 -26.87
C THR C 103 30.86 16.32 -27.33
N ARG C 104 31.50 16.99 -28.30
CA ARG C 104 31.06 18.31 -28.72
C ARG C 104 29.63 18.24 -29.24
N SER C 105 29.25 17.12 -29.88
CA SER C 105 27.91 17.05 -30.44
C SER C 105 26.86 16.96 -29.32
N ALA C 106 27.27 16.66 -28.08
CA ALA C 106 26.32 16.54 -26.98
C ALA C 106 26.01 17.89 -26.35
N LEU C 107 26.67 18.97 -26.81
CA LEU C 107 26.49 20.30 -26.21
C LEU C 107 25.91 21.32 -27.18
N LEU C 108 25.50 22.46 -26.60
CA LEU C 108 25.05 23.68 -27.27
C LEU C 108 25.82 24.87 -26.74
N PRO C 109 26.28 25.80 -27.62
CA PRO C 109 26.38 25.55 -29.07
C PRO C 109 27.58 24.67 -29.44
N THR C 110 27.64 24.15 -30.67
CA THR C 110 28.79 23.33 -31.04
C THR C 110 29.98 24.20 -31.38
N SER D 3 -45.02 0.66 24.15
CA SER D 3 -44.60 2.06 24.39
C SER D 3 -43.13 2.14 24.82
N THR D 4 -42.88 2.02 26.13
CA THR D 4 -41.53 2.07 26.71
C THR D 4 -40.65 1.00 26.05
N SER D 5 -39.36 1.32 25.93
CA SER D 5 -38.49 0.63 25.00
C SER D 5 -37.45 -0.19 25.76
N LEU D 6 -37.19 -1.37 25.19
CA LEU D 6 -36.16 -2.27 25.67
C LEU D 6 -34.92 -2.12 24.79
N SER D 7 -33.76 -2.04 25.45
CA SER D 7 -32.53 -1.57 24.84
C SER D 7 -31.38 -2.51 25.21
N CYS D 8 -30.33 -2.50 24.39
CA CYS D 8 -29.21 -3.39 24.61
C CYS D 8 -28.57 -2.94 25.92
N LYS D 9 -28.44 -3.86 26.88
CA LYS D 9 -27.83 -3.51 28.16
C LYS D 9 -26.42 -2.93 27.95
N GLN D 10 -25.63 -3.53 27.07
CA GLN D 10 -24.20 -3.28 27.03
C GLN D 10 -23.85 -1.99 26.28
N CYS D 11 -24.67 -1.52 25.34
CA CYS D 11 -24.31 -0.30 24.61
C CYS D 11 -25.32 0.80 24.91
N GLN D 12 -26.59 0.45 25.12
CA GLN D 12 -27.50 1.24 25.96
C GLN D 12 -28.39 2.15 25.12
N GLU D 13 -27.81 2.82 24.12
CA GLU D 13 -28.54 3.66 23.19
C GLU D 13 -29.53 2.85 22.34
N THR D 14 -29.10 1.65 21.89
CA THR D 14 -29.74 0.88 20.82
C THR D 14 -31.06 0.27 21.26
N GLU D 15 -32.12 0.53 20.49
CA GLU D 15 -33.45 0.02 20.77
C GLU D 15 -33.70 -1.31 20.05
N ILE D 16 -33.99 -2.36 20.81
CA ILE D 16 -34.20 -3.68 20.26
C ILE D 16 -35.69 -3.90 20.00
N THR D 17 -36.55 -3.46 20.94
CA THR D 17 -38.01 -3.62 20.84
C THR D 17 -38.71 -2.71 21.84
N THR D 18 -40.06 -2.74 21.81
CA THR D 18 -40.93 -1.98 22.72
C THR D 18 -41.84 -2.94 23.50
N LYS D 19 -42.21 -2.51 24.72
CA LYS D 19 -43.10 -3.27 25.58
C LYS D 19 -44.35 -3.74 24.83
N ASN D 20 -44.82 -3.02 23.82
CA ASN D 20 -46.07 -3.43 23.22
C ASN D 20 -45.88 -4.64 22.30
N GLU D 21 -44.64 -5.07 22.03
CA GLU D 21 -44.41 -6.25 21.19
C GLU D 21 -44.43 -7.52 22.02
N ILE D 22 -44.37 -7.35 23.35
CA ILE D 22 -44.36 -8.42 24.32
C ILE D 22 -45.64 -9.23 24.26
N PHE D 23 -45.50 -10.56 24.12
CA PHE D 23 -46.63 -11.44 24.03
C PHE D 23 -46.26 -12.70 24.78
N SER D 24 -47.07 -13.76 24.64
CA SER D 24 -47.03 -14.86 25.59
C SER D 24 -47.10 -16.17 24.82
N LEU D 25 -46.11 -17.03 25.05
CA LEU D 25 -46.12 -18.34 24.42
C LEU D 25 -45.72 -19.38 25.47
N SER D 26 -46.23 -19.20 26.69
CA SER D 26 -45.99 -20.16 27.76
C SER D 26 -47.04 -19.99 28.86
N LEU D 27 -47.07 -20.97 29.77
CA LEU D 27 -47.56 -20.74 31.13
C LEU D 27 -46.50 -19.87 31.78
N SER D 28 -46.87 -19.13 32.83
CA SER D 28 -46.06 -18.04 33.36
C SER D 28 -45.80 -16.97 32.30
N GLY D 29 -46.44 -17.10 31.13
CA GLY D 29 -46.65 -15.98 30.20
C GLY D 29 -45.44 -15.62 29.33
N PRO D 30 -45.18 -14.31 29.11
CA PRO D 30 -44.17 -13.88 28.14
C PRO D 30 -42.73 -14.21 28.54
N MET D 31 -42.49 -14.13 29.85
CA MET D 31 -41.22 -14.35 30.51
C MET D 31 -41.18 -15.78 31.03
N ALA D 32 -40.09 -16.51 30.74
CA ALA D 32 -39.93 -17.88 31.22
C ALA D 32 -38.45 -18.20 31.35
N ALA D 33 -38.14 -19.36 31.93
CA ALA D 33 -36.76 -19.81 32.03
C ALA D 33 -36.58 -21.13 31.27
N TYR D 34 -35.49 -21.26 30.47
CA TYR D 34 -35.24 -22.47 29.72
C TYR D 34 -33.78 -22.88 29.87
N VAL D 35 -33.57 -24.17 29.73
CA VAL D 35 -32.25 -24.74 29.93
C VAL D 35 -31.68 -25.09 28.56
N ASN D 36 -30.40 -24.73 28.38
CA ASN D 36 -29.72 -24.97 27.11
C ASN D 36 -29.03 -26.32 27.22
N PRO D 37 -28.39 -26.83 26.16
CA PRO D 37 -27.91 -28.20 26.21
C PRO D 37 -26.77 -28.38 27.19
N HIS D 38 -26.08 -27.28 27.55
CA HIS D 38 -25.00 -27.35 28.51
C HIS D 38 -25.45 -27.01 29.94
N GLY D 39 -26.77 -26.87 30.18
CA GLY D 39 -27.31 -26.74 31.52
C GLY D 39 -27.53 -25.28 31.93
N TYR D 40 -26.98 -24.32 31.19
CA TYR D 40 -27.18 -22.94 31.57
C TYR D 40 -28.65 -22.62 31.40
N VAL D 41 -29.10 -21.56 32.07
CA VAL D 41 -30.49 -21.25 32.25
C VAL D 41 -30.70 -19.83 31.79
N HIS D 42 -31.60 -19.61 30.85
CA HIS D 42 -31.84 -18.28 30.38
C HIS D 42 -33.27 -17.91 30.73
N GLU D 43 -33.45 -16.71 31.28
CA GLU D 43 -34.78 -16.14 31.41
C GLU D 43 -35.01 -15.33 30.14
N THR D 44 -36.03 -15.71 29.37
CA THR D 44 -36.21 -15.20 28.03
C THR D 44 -37.63 -14.68 27.88
N LEU D 45 -37.75 -13.60 27.10
CA LEU D 45 -38.99 -12.89 26.87
C LEU D 45 -39.35 -13.02 25.39
N THR D 46 -40.61 -13.36 25.10
CA THR D 46 -41.09 -13.49 23.73
C THR D 46 -41.64 -12.14 23.26
N VAL D 47 -41.20 -11.69 22.08
CA VAL D 47 -41.78 -10.52 21.42
C VAL D 47 -41.98 -10.88 19.94
N TYR D 48 -42.92 -10.17 19.29
CA TYR D 48 -43.33 -10.47 17.92
C TYR D 48 -42.32 -9.94 16.92
N LYS D 49 -41.75 -8.76 17.26
CA LYS D 49 -40.89 -7.98 16.40
C LYS D 49 -39.77 -7.35 17.21
N ALA D 50 -38.56 -7.45 16.66
CA ALA D 50 -37.39 -6.79 17.21
C ALA D 50 -36.52 -6.27 16.06
N SER D 51 -35.62 -5.33 16.39
CA SER D 51 -34.81 -4.69 15.38
C SER D 51 -33.43 -4.34 15.95
N ASN D 52 -32.55 -3.86 15.05
CA ASN D 52 -31.14 -3.65 15.30
C ASN D 52 -30.44 -4.95 15.67
N LEU D 53 -30.75 -6.04 14.97
CA LEU D 53 -30.14 -7.33 15.23
C LEU D 53 -29.55 -7.93 13.95
N ASN D 54 -28.32 -8.41 14.00
CA ASN D 54 -27.82 -9.27 12.96
C ASN D 54 -28.23 -10.68 13.33
N LEU D 55 -28.42 -11.51 12.32
CA LEU D 55 -28.57 -12.94 12.51
C LEU D 55 -27.26 -13.62 12.21
N ILE D 56 -26.94 -14.68 12.98
CA ILE D 56 -25.75 -15.50 12.80
C ILE D 56 -26.16 -16.96 12.65
N GLY D 57 -25.48 -17.65 11.72
CA GLY D 57 -25.77 -19.05 11.38
C GLY D 57 -27.10 -19.21 10.65
N ARG D 58 -27.51 -20.46 10.47
CA ARG D 58 -28.75 -20.78 9.76
C ARG D 58 -29.75 -21.39 10.73
N PRO D 59 -31.08 -21.24 10.52
CA PRO D 59 -32.05 -21.71 11.50
C PRO D 59 -31.79 -23.16 11.90
N SER D 60 -31.84 -23.49 13.20
CA SER D 60 -31.70 -24.86 13.67
C SER D 60 -32.88 -25.29 14.56
N THR D 61 -33.25 -26.58 14.54
CA THR D 61 -34.30 -27.11 15.40
C THR D 61 -33.71 -27.84 16.60
N GLU D 62 -32.42 -28.18 16.56
CA GLU D 62 -31.76 -28.90 17.64
C GLU D 62 -32.05 -28.17 18.96
N HIS D 63 -32.55 -28.90 19.97
CA HIS D 63 -32.79 -28.44 21.33
C HIS D 63 -33.74 -27.25 21.40
N SER D 64 -34.66 -27.15 20.43
CA SER D 64 -35.46 -25.94 20.38
C SER D 64 -36.40 -25.92 21.59
N TRP D 65 -36.53 -24.75 22.21
CA TRP D 65 -37.39 -24.54 23.36
C TRP D 65 -38.85 -24.37 22.95
N PHE D 66 -39.13 -24.08 21.67
CA PHE D 66 -40.50 -23.95 21.21
C PHE D 66 -40.72 -24.89 20.05
N PRO D 67 -41.21 -26.13 20.26
CA PRO D 67 -41.39 -27.08 19.15
C PRO D 67 -42.26 -26.53 18.01
N GLY D 68 -41.95 -26.97 16.78
CA GLY D 68 -42.49 -26.35 15.58
C GLY D 68 -41.55 -25.30 14.99
N TYR D 69 -40.65 -24.75 15.82
CA TYR D 69 -39.88 -23.57 15.48
C TYR D 69 -38.39 -23.89 15.52
N ALA D 70 -37.65 -23.09 14.74
CA ALA D 70 -36.20 -23.15 14.70
C ALA D 70 -35.63 -21.81 15.13
N TRP D 71 -34.37 -21.86 15.61
CA TRP D 71 -33.73 -20.70 16.20
C TRP D 71 -32.50 -20.31 15.41
N THR D 72 -32.27 -19.00 15.37
CA THR D 72 -31.06 -18.41 14.83
C THR D 72 -30.53 -17.43 15.87
N VAL D 73 -29.24 -17.53 16.23
CA VAL D 73 -28.63 -16.59 17.15
C VAL D 73 -28.81 -15.14 16.69
N ALA D 74 -29.06 -14.24 17.65
CA ALA D 74 -29.24 -12.82 17.35
C ALA D 74 -28.31 -11.94 18.19
N GLN D 75 -27.72 -10.92 17.57
CA GLN D 75 -26.75 -10.06 18.23
C GLN D 75 -27.06 -8.59 17.91
N CYS D 76 -26.71 -7.69 18.84
CA CYS D 76 -26.77 -6.25 18.63
C CYS D 76 -25.92 -5.84 17.40
N LYS D 77 -26.55 -5.17 16.43
CA LYS D 77 -25.89 -4.58 15.27
C LYS D 77 -24.69 -3.73 15.71
N ILE D 78 -24.74 -3.13 16.91
CA ILE D 78 -23.82 -2.07 17.25
C ILE D 78 -22.65 -2.62 18.04
N CYS D 79 -22.89 -3.45 19.08
CA CYS D 79 -21.81 -3.96 19.92
C CYS D 79 -21.54 -5.46 19.73
N ALA D 80 -22.39 -6.19 19.00
CA ALA D 80 -22.19 -7.62 18.77
C ALA D 80 -22.47 -8.50 19.99
N SER D 81 -23.11 -7.93 21.00
CA SER D 81 -23.54 -8.69 22.15
C SER D 81 -24.69 -9.66 21.81
N HIS D 82 -24.66 -10.84 22.44
CA HIS D 82 -25.69 -11.84 22.28
C HIS D 82 -26.95 -11.37 22.98
N ILE D 83 -28.00 -11.07 22.21
CA ILE D 83 -29.23 -10.57 22.76
C ILE D 83 -30.22 -11.73 22.94
N GLY D 84 -30.22 -12.70 22.03
CA GLY D 84 -31.14 -13.82 22.13
C GLY D 84 -31.23 -14.59 20.81
N TRP D 85 -32.46 -14.98 20.41
CA TRP D 85 -32.69 -15.74 19.19
C TRP D 85 -33.93 -15.29 18.43
N LYS D 86 -33.86 -15.45 17.09
CA LYS D 86 -35.02 -15.44 16.22
C LYS D 86 -35.52 -16.85 16.02
N PHE D 87 -36.84 -17.02 16.23
CA PHE D 87 -37.53 -18.29 16.08
C PHE D 87 -38.38 -18.25 14.80
N THR D 88 -38.22 -19.28 13.95
CA THR D 88 -38.98 -19.34 12.71
C THR D 88 -39.71 -20.67 12.59
N ALA D 89 -40.95 -20.58 12.08
CA ALA D 89 -41.85 -21.70 11.85
C ALA D 89 -41.28 -22.68 10.84
N THR D 90 -41.49 -23.97 11.07
CA THR D 90 -40.99 -24.99 10.17
C THR D 90 -42.15 -25.64 9.40
N LYS D 91 -43.38 -25.10 9.59
CA LYS D 91 -44.59 -25.59 8.93
C LYS D 91 -45.60 -24.45 8.78
N LYS D 92 -46.41 -24.51 7.71
CA LYS D 92 -47.04 -23.30 7.16
C LYS D 92 -48.35 -22.95 7.87
N ASP D 93 -48.91 -23.88 8.64
CA ASP D 93 -50.18 -23.62 9.30
C ASP D 93 -49.97 -22.78 10.58
N MET D 94 -48.72 -22.60 11.03
CA MET D 94 -48.43 -22.19 12.40
C MET D 94 -48.46 -20.68 12.55
N SER D 95 -48.64 -20.24 13.79
CA SER D 95 -48.84 -18.82 14.07
C SER D 95 -48.42 -18.45 15.49
N PRO D 96 -47.52 -17.46 15.71
CA PRO D 96 -46.92 -16.70 14.62
C PRO D 96 -45.93 -17.53 13.82
N GLN D 97 -45.59 -17.02 12.63
CA GLN D 97 -44.62 -17.65 11.75
C GLN D 97 -43.22 -17.34 12.25
N LYS D 98 -43.06 -16.17 12.91
CA LYS D 98 -41.80 -15.78 13.52
C LYS D 98 -42.02 -14.91 14.77
N PHE D 99 -41.04 -14.99 15.68
CA PHE D 99 -40.93 -14.15 16.86
C PHE D 99 -39.48 -14.20 17.36
N TRP D 100 -39.19 -13.39 18.40
CA TRP D 100 -37.86 -13.32 18.99
C TRP D 100 -37.90 -13.69 20.48
N GLY D 101 -37.04 -14.62 20.90
CA GLY D 101 -36.74 -14.84 22.31
C GLY D 101 -35.50 -14.08 22.75
N LEU D 102 -35.69 -13.02 23.53
CA LEU D 102 -34.60 -12.24 24.06
C LEU D 102 -34.21 -12.68 25.47
N THR D 103 -32.91 -12.73 25.74
CA THR D 103 -32.40 -12.96 27.08
C THR D 103 -32.64 -11.70 27.92
N ARG D 104 -33.38 -11.86 29.02
CA ARG D 104 -33.80 -10.73 29.83
C ARG D 104 -32.58 -9.96 30.34
N SER D 105 -31.53 -10.68 30.73
CA SER D 105 -30.39 -10.05 31.35
C SER D 105 -29.55 -9.23 30.37
N ALA D 106 -29.88 -9.25 29.07
CA ALA D 106 -29.14 -8.46 28.10
C ALA D 106 -29.93 -7.22 27.68
N LEU D 107 -30.94 -6.81 28.47
CA LEU D 107 -31.75 -5.64 28.12
C LEU D 107 -31.81 -4.61 29.25
N LEU D 108 -32.37 -3.41 28.95
CA LEU D 108 -32.59 -2.28 29.87
C LEU D 108 -33.92 -1.57 29.62
N PRO D 109 -34.87 -1.46 30.60
CA PRO D 109 -34.70 -1.97 31.97
C PRO D 109 -34.32 -3.44 32.08
N1 A1CAV E . -9.30 -0.07 21.42
N3 A1CAV E . -8.04 1.15 10.01
C4 A1CAV E . -9.59 -0.61 18.57
C5 A1CAV E . -8.63 0.45 19.15
C6 A1CAV E . -10.77 0.12 17.91
C7 A1CAV E . -9.50 -0.56 16.23
C8 A1CAV E . -9.03 -1.24 17.32
C10 A1CAV E . -8.32 -2.04 14.74
C13 A1CAV E . -9.47 -0.35 13.61
C15 A1CAV E . -8.62 -0.87 11.29
C17 A1CAV E . -8.97 0.87 9.01
C1 A1CAV E . -9.12 1.05 20.45
C2 A1CAV E . -10.29 -1.09 20.96
C3 A1CAV E . -9.91 -1.68 19.62
O1 A1CAV E . -10.30 0.50 16.59
C9 A1CAV E . -9.14 -0.94 14.93
C11 A1CAV E . -7.84 -2.74 15.84
C12 A1CAV E . -8.23 -2.36 17.15
N2 A1CAV E . -8.69 -1.17 12.70
C14 A1CAV E . -8.03 -2.20 13.29
C16 A1CAV E . -7.72 0.34 11.06
C18 A1CAV E . -9.84 -0.33 9.19
C19 A1CAV E . -10.00 -0.70 10.66
O2 A1CAV E . -9.13 1.64 8.09
O3 A1CAV E . -6.78 0.59 11.78
O4 A1CAV E . -7.27 -3.00 12.72
ZN ZN F . -17.68 -18.04 8.24
N1 A1CAV G . 6.05 9.07 -20.27
N3 A1CAV G . 4.94 7.78 -8.61
C4 A1CAV G . 6.46 8.88 -17.40
C5 A1CAV G . 5.08 8.90 -18.08
C6 A1CAV G . 6.65 10.20 -16.60
C7 A1CAV G . 6.51 8.53 -15.05
C8 A1CAV G . 6.54 7.88 -16.28
C10 A1CAV G . 6.69 6.43 -13.91
C13 A1CAV G . 6.56 8.21 -12.40
C15 A1CAV G . 6.47 6.79 -10.27
C17 A1CAV G . 5.89 7.84 -7.61
C1 A1CAV G . 5.08 9.70 -19.36
C2 A1CAV G . 7.43 9.19 -19.74
C3 A1CAV G . 7.56 8.49 -18.40
O1 A1CAV G . 6.39 9.89 -15.21
C9 A1CAV G . 6.59 7.81 -13.86
C11 A1CAV G . 6.73 5.76 -15.12
C12 A1CAV G . 6.65 6.51 -16.33
N2 A1CAV G . 6.59 6.93 -11.71
C14 A1CAV G . 6.71 5.87 -12.56
C16 A1CAV G . 5.06 7.17 -9.84
C18 A1CAV G . 7.28 7.48 -7.99
C19 A1CAV G . 7.53 7.57 -9.49
O2 A1CAV G . 5.57 8.25 -6.50
O3 A1CAV G . 4.10 6.98 -10.54
O4 A1CAV G . 6.74 4.68 -12.23
ZN ZN H . 24.14 -1.77 -10.47
N1 A1CAV I . 31.97 -3.77 -23.99
N3 A1CAV I . 38.52 6.03 -24.48
C4 A1CAV I . 33.47 -1.26 -23.96
C5 A1CAV I . 33.42 -2.18 -25.20
C6 A1CAV I . 34.81 -1.30 -23.23
C7 A1CAV I . 34.47 0.87 -23.89
C8 A1CAV I . 33.43 0.16 -24.45
C10 A1CAV I . 33.82 2.82 -25.10
C13 A1CAV I . 35.70 3.19 -23.74
C15 A1CAV I . 36.08 5.63 -24.44
C17 A1CAV I . 38.46 7.08 -23.59
C1 A1CAV I . 33.15 -3.63 -24.87
C2 A1CAV I . 32.20 -3.08 -22.71
C3 A1CAV I . 32.32 -1.61 -22.99
O1 A1CAV I . 35.21 0.08 -23.04
C9 A1CAV I . 34.67 2.20 -24.20
C11 A1CAV I . 32.75 2.15 -25.67
C12 A1CAV I . 32.56 0.78 -25.34
N2 A1CAV I . 35.34 4.39 -24.48
C14 A1CAV I . 34.25 4.24 -25.26
C16 A1CAV I . 37.45 5.36 -25.03
C18 A1CAV I . 37.09 7.43 -23.12
C19 A1CAV I . 36.17 6.22 -23.06
O2 A1CAV I . 39.48 7.65 -23.23
O3 A1CAV I . 37.62 4.53 -25.89
O4 A1CAV I . 33.77 5.13 -25.96
ZN ZN J . 20.56 17.10 -19.98
ZN ZN K . -25.35 -3.35 21.80
N1 A1CAV L . -22.44 -28.34 19.93
N3 A1CAV L . -32.78 -23.64 22.52
C4 A1CAV L . -24.50 -26.46 20.82
C5 A1CAV L . -24.06 -27.65 21.67
C6 A1CAV L . -25.62 -26.96 19.87
C7 A1CAV L . -26.54 -25.27 21.10
C8 A1CAV L . -25.24 -25.38 21.58
C10 A1CAV L . -27.01 -23.56 22.66
C13 A1CAV L . -28.87 -24.07 21.31
C15 A1CAV L . -30.54 -22.59 22.57
C17 A1CAV L . -33.39 -22.55 21.92
C1 A1CAV L . -23.55 -28.79 20.80
C2 A1CAV L . -22.66 -27.05 19.21
C3 A1CAV L . -23.26 -25.97 20.09
O1 A1CAV L . -26.81 -26.14 20.11
C9 A1CAV L . -27.44 -24.38 21.63
C11 A1CAV L . -25.71 -23.62 23.15
C12 A1CAV L . -24.80 -24.57 22.61
N2 A1CAV L . -29.22 -23.11 22.34
C14 A1CAV L . -28.15 -22.71 23.08
C16 A1CAV L . -31.49 -23.69 23.00
C18 A1CAV L . -32.50 -21.38 21.72
C19 A1CAV L . -31.08 -21.80 21.40
O2 A1CAV L . -34.58 -22.60 21.58
O3 A1CAV L . -31.13 -24.62 23.70
O4 A1CAV L . -28.19 -21.83 23.94
#